data_7DQW
#
_entry.id   7DQW
#
_cell.length_a   61.666
_cell.length_b   67.492
_cell.length_c   103.214
_cell.angle_alpha   90.00
_cell.angle_beta   90.00
_cell.angle_gamma   90.00
#
_symmetry.space_group_name_H-M   'P 21 21 21'
#
loop_
_entity.id
_entity.type
_entity.pdbx_description
1 polymer 'DNA gyrase subunit B'
2 non-polymer 1H-benzimidazol-2-amine
3 non-polymer 4-chlorophenol
4 non-polymer 'PHOSPHATE ION'
5 water water
#
_entity_poly.entity_id   1
_entity_poly.type   'polypeptide(L)'
_entity_poly.pdbx_seq_one_letter_code
;LDAVRKRPGMYIGDTDDGTGLHHMVFEVVDNAIDEALAGHCKEIIVTIHADNSVSVQDDGRGIPTGIHPEEGVSAAEVIM
TVLHAGGKFDDNSYKVSGGLHGVGVSVVNALSQKLELVIQREGKIHRQIYEHGVPQAPLAVTGETEKTGTMVRFWPSLET
FTNVTEFEYEILAKRLRELSFLNSGVSIRLRDKRDGKEDHFHYEGG
;
_entity_poly.pdbx_strand_id   A,B
#
loop_
_chem_comp.id
_chem_comp.type
_chem_comp.name
_chem_comp.formula
4CH non-polymer 4-chlorophenol 'C6 H5 Cl O'
AX7 non-polymer 1H-benzimidazol-2-amine 'C7 H7 N3'
PO4 non-polymer 'PHOSPHATE ION' 'O4 P -3'
#
# COMPACT_ATOMS: atom_id res chain seq x y z
N LEU A 1 -6.83 -2.66 -5.47
CA LEU A 1 -5.43 -2.99 -5.85
C LEU A 1 -4.66 -3.90 -4.87
N ASP A 2 -5.18 -4.09 -3.65
CA ASP A 2 -4.52 -4.95 -2.66
C ASP A 2 -4.29 -6.39 -3.14
N ALA A 3 -5.19 -6.93 -3.95
CA ALA A 3 -5.01 -8.25 -4.57
C ALA A 3 -3.73 -8.34 -5.41
N VAL A 4 -3.41 -7.25 -6.13
CA VAL A 4 -2.17 -7.16 -6.91
C VAL A 4 -0.95 -7.05 -5.99
N ARG A 5 -1.05 -6.18 -4.97
CA ARG A 5 0.04 -5.97 -4.00
C ARG A 5 0.36 -7.24 -3.21
N LYS A 6 -0.67 -8.06 -2.98
CA LYS A 6 -0.53 -9.29 -2.21
C LYS A 6 0.30 -10.36 -2.93
N ARG A 7 0.08 -10.49 -4.24
CA ARG A 7 0.76 -11.49 -5.07
C ARG A 7 1.20 -10.87 -6.41
N PRO A 8 2.22 -9.97 -6.38
CA PRO A 8 2.61 -9.23 -7.58
C PRO A 8 3.06 -10.10 -8.76
N GLY A 9 3.77 -11.18 -8.46
CA GLY A 9 4.21 -12.15 -9.46
C GLY A 9 3.11 -12.74 -10.33
N MET A 10 1.94 -12.96 -9.75
CA MET A 10 0.79 -13.51 -10.47
C MET A 10 0.22 -12.57 -11.54
N TYR A 11 0.44 -11.27 -11.40
CA TYR A 11 -0.06 -10.27 -12.35
C TYR A 11 1.02 -9.79 -13.34
N ILE A 12 2.19 -9.43 -12.83
CA ILE A 12 3.24 -8.80 -13.64
C ILE A 12 4.30 -9.79 -14.16
N GLY A 13 4.45 -10.93 -13.48
CA GLY A 13 5.50 -11.91 -13.80
C GLY A 13 6.57 -11.89 -12.72
N ASP A 14 7.54 -12.80 -12.85
CA ASP A 14 8.56 -13.01 -11.81
C ASP A 14 9.27 -11.71 -11.41
N THR A 15 9.17 -11.35 -10.13
CA THR A 15 9.69 -10.08 -9.60
C THR A 15 11.17 -10.13 -9.19
N ASP A 16 11.82 -11.30 -9.30
CA ASP A 16 13.23 -11.47 -8.93
C ASP A 16 14.19 -11.55 -10.13
N ASP A 17 13.80 -12.27 -11.18
CA ASP A 17 14.68 -12.49 -12.36
C ASP A 17 14.70 -11.35 -13.40
N GLY A 18 13.86 -10.32 -13.21
CA GLY A 18 13.78 -9.19 -14.13
C GLY A 18 12.63 -9.23 -15.13
N THR A 19 11.89 -10.35 -15.18
CA THR A 19 10.76 -10.52 -16.09
C THR A 19 9.64 -9.53 -15.78
N GLY A 20 9.22 -9.51 -14.52
CA GLY A 20 8.18 -8.61 -14.04
C GLY A 20 8.54 -7.14 -14.22
N LEU A 21 9.80 -6.79 -13.89
CA LEU A 21 10.30 -5.42 -14.02
C LEU A 21 10.11 -4.88 -15.43
N HIS A 22 10.49 -5.67 -16.42
CA HIS A 22 10.37 -5.26 -17.83
C HIS A 22 8.93 -5.31 -18.35
N HIS A 23 8.14 -6.27 -17.86
CA HIS A 23 6.70 -6.32 -18.19
C HIS A 23 5.94 -5.06 -17.76
N MET A 24 6.42 -4.39 -16.70
CA MET A 24 5.86 -3.09 -16.28
C MET A 24 5.87 -2.09 -17.42
N VAL A 25 7.01 -2.01 -18.12
CA VAL A 25 7.15 -1.13 -19.29
C VAL A 25 6.19 -1.56 -20.40
N PHE A 26 6.12 -2.86 -20.67
CA PHE A 26 5.32 -3.39 -21.79
C PHE A 26 3.82 -3.19 -21.59
N GLU A 27 3.33 -3.28 -20.35
CA GLU A 27 1.92 -2.99 -20.04
C GLU A 27 1.55 -1.53 -20.31
N VAL A 28 2.46 -0.62 -19.96
CA VAL A 28 2.26 0.81 -20.23
C VAL A 28 2.32 1.07 -21.74
N VAL A 29 3.27 0.43 -22.41
CA VAL A 29 3.42 0.52 -23.87
C VAL A 29 2.16 0.06 -24.62
N ASP A 30 1.53 -1.03 -24.17
CA ASP A 30 0.26 -1.52 -24.75
C ASP A 30 -0.82 -0.44 -24.78
N ASN A 31 -0.95 0.31 -23.68
CA ASN A 31 -1.92 1.40 -23.61
C ASN A 31 -1.51 2.60 -24.47
N ALA A 32 -0.20 2.88 -24.53
CA ALA A 32 0.32 3.96 -25.38
C ALA A 32 0.11 3.69 -26.87
N ILE A 33 0.26 2.43 -27.28
CA ILE A 33 0.00 2.02 -28.67
C ILE A 33 -1.48 2.19 -29.05
N ASP A 34 -2.38 1.72 -28.18
CA ASP A 34 -3.83 1.92 -28.39
C ASP A 34 -4.19 3.40 -28.58
N GLU A 35 -3.63 4.25 -27.73
CA GLU A 35 -3.82 5.71 -27.82
C GLU A 35 -3.18 6.31 -29.05
N ALA A 36 -1.96 5.88 -29.38
CA ALA A 36 -1.25 6.36 -30.57
C ALA A 36 -1.97 6.01 -31.87
N LEU A 37 -2.51 4.79 -31.93
CA LEU A 37 -3.25 4.29 -33.11
C LEU A 37 -4.48 5.13 -33.51
N ALA A 38 -5.11 5.79 -32.53
CA ALA A 38 -6.29 6.63 -32.78
C ALA A 38 -5.98 8.14 -32.85
N GLY A 39 -4.70 8.50 -32.97
CA GLY A 39 -4.26 9.88 -33.21
C GLY A 39 -3.80 10.07 -34.65
N HIS A 40 -3.56 11.32 -35.03
CA HIS A 40 -3.09 11.65 -36.38
C HIS A 40 -1.63 11.29 -36.54
N CYS A 41 -0.79 11.90 -35.71
CA CYS A 41 0.58 11.44 -35.54
C CYS A 41 0.50 10.20 -34.68
N LYS A 42 1.27 9.18 -35.06
CA LYS A 42 1.20 7.87 -34.42
C LYS A 42 2.59 7.48 -33.94
N GLU A 43 3.08 8.22 -32.95
CA GLU A 43 4.40 7.98 -32.38
C GLU A 43 4.31 7.81 -30.87
N ILE A 44 5.08 6.86 -30.34
CA ILE A 44 5.31 6.73 -28.91
C ILE A 44 6.80 6.84 -28.62
N ILE A 45 7.14 7.36 -27.45
CA ILE A 45 8.53 7.50 -27.02
C ILE A 45 8.68 6.81 -25.67
N VAL A 46 9.55 5.81 -25.61
CA VAL A 46 9.89 5.13 -24.36
C VAL A 46 11.27 5.62 -23.93
N THR A 47 11.37 6.22 -22.75
CA THR A 47 12.62 6.78 -22.25
C THR A 47 13.04 6.10 -20.96
N ILE A 48 14.27 5.58 -20.92
CA ILE A 48 14.88 5.07 -19.71
C ILE A 48 15.66 6.22 -19.07
N HIS A 49 15.21 6.66 -17.90
CA HIS A 49 15.85 7.79 -17.22
C HIS A 49 17.00 7.33 -16.34
N ALA A 50 17.89 8.27 -16.00
CA ALA A 50 19.10 7.99 -15.22
C ALA A 50 18.81 7.46 -13.81
N ASP A 51 17.69 7.92 -13.22
CA ASP A 51 17.27 7.48 -11.88
C ASP A 51 16.46 6.17 -11.85
N ASN A 52 16.54 5.37 -12.92
CA ASN A 52 15.90 4.06 -13.01
C ASN A 52 14.36 4.10 -13.05
N SER A 53 13.82 5.17 -13.61
CA SER A 53 12.40 5.25 -13.97
C SER A 53 12.30 5.12 -15.48
N VAL A 54 11.10 4.80 -15.95
CA VAL A 54 10.80 4.76 -17.38
C VAL A 54 9.57 5.62 -17.64
N SER A 55 9.60 6.41 -18.71
CA SER A 55 8.45 7.17 -19.16
C SER A 55 8.02 6.70 -20.55
N VAL A 56 6.71 6.62 -20.75
CA VAL A 56 6.12 6.25 -22.04
C VAL A 56 5.19 7.39 -22.43
N GLN A 57 5.46 8.02 -23.58
CA GLN A 57 4.65 9.11 -24.12
C GLN A 57 3.92 8.61 -25.37
N ASP A 58 2.73 9.13 -25.61
CA ASP A 58 2.11 9.06 -26.95
C ASP A 58 1.61 10.45 -27.35
N ASP A 59 1.29 10.58 -28.63
CA ASP A 59 0.74 11.83 -29.19
C ASP A 59 -0.68 11.63 -29.72
N GLY A 60 -1.47 10.84 -28.98
CA GLY A 60 -2.86 10.56 -29.32
C GLY A 60 -3.78 11.64 -28.79
N ARG A 61 -5.02 11.26 -28.50
CA ARG A 61 -6.06 12.21 -28.07
C ARG A 61 -5.91 12.69 -26.64
N GLY A 62 -5.20 11.92 -25.80
CA GLY A 62 -5.22 12.10 -24.36
C GLY A 62 -6.35 11.25 -23.78
N ILE A 63 -6.06 10.51 -22.72
CA ILE A 63 -7.09 9.66 -22.09
C ILE A 63 -8.16 10.53 -21.41
N PRO A 64 -9.42 10.02 -21.31
CA PRO A 64 -10.52 10.84 -20.76
C PRO A 64 -10.26 11.36 -19.34
N THR A 65 -10.53 12.65 -19.14
CA THR A 65 -10.29 13.34 -17.86
C THR A 65 -11.56 13.64 -17.04
N GLY A 66 -12.73 13.58 -17.67
CA GLY A 66 -14.00 13.88 -17.00
C GLY A 66 -14.34 12.92 -15.88
N ILE A 67 -15.22 13.35 -14.98
CA ILE A 67 -15.58 12.58 -13.79
C ILE A 67 -16.39 11.35 -14.18
N HIS A 68 -15.96 10.19 -13.69
CA HIS A 68 -16.66 8.92 -13.91
C HIS A 68 -17.89 8.90 -12.99
N PRO A 69 -19.10 8.73 -13.56
CA PRO A 69 -20.33 8.89 -12.77
C PRO A 69 -20.53 7.89 -11.62
N GLU A 70 -20.04 6.66 -11.79
CA GLU A 70 -20.15 5.63 -10.75
C GLU A 70 -19.09 5.79 -9.65
N GLU A 71 -17.82 5.92 -10.06
CA GLU A 71 -16.69 5.99 -9.13
C GLU A 71 -16.55 7.36 -8.46
N GLY A 72 -17.03 8.42 -9.13
CA GLY A 72 -16.98 9.77 -8.58
C GLY A 72 -15.61 10.41 -8.58
N VAL A 73 -14.72 9.94 -9.44
CA VAL A 73 -13.39 10.53 -9.66
C VAL A 73 -13.12 10.58 -11.15
N SER A 74 -12.03 11.23 -11.56
CA SER A 74 -11.69 11.35 -12.98
C SER A 74 -11.56 9.97 -13.64
N ALA A 75 -12.02 9.86 -14.88
CA ALA A 75 -11.92 8.62 -15.65
C ALA A 75 -10.48 8.11 -15.75
N ALA A 76 -9.53 9.04 -15.81
CA ALA A 76 -8.10 8.74 -15.77
C ALA A 76 -7.71 8.02 -14.47
N GLU A 77 -8.20 8.49 -13.33
CA GLU A 77 -7.93 7.84 -12.04
C GLU A 77 -8.54 6.43 -11.95
N VAL A 78 -9.72 6.24 -12.53
CA VAL A 78 -10.37 4.92 -12.57
C VAL A 78 -9.48 3.92 -13.33
N ILE A 79 -8.95 4.36 -14.46
CA ILE A 79 -8.01 3.55 -15.26
C ILE A 79 -6.74 3.21 -14.44
N MET A 80 -6.24 4.17 -13.67
CA MET A 80 -5.05 3.97 -12.85
C MET A 80 -5.26 3.17 -11.55
N THR A 81 -6.50 3.06 -11.06
CA THR A 81 -6.77 2.48 -9.73
C THR A 81 -7.74 1.27 -9.67
N VAL A 82 -8.42 0.94 -10.77
CA VAL A 82 -9.37 -0.18 -10.79
C VAL A 82 -8.91 -1.24 -11.79
N LEU A 83 -8.98 -2.51 -11.39
CA LEU A 83 -8.62 -3.64 -12.27
C LEU A 83 -9.64 -3.82 -13.40
N GLY A 102 -4.77 -8.52 -21.75
CA GLY A 102 -3.93 -7.53 -21.08
C GLY A 102 -4.23 -7.41 -19.59
N VAL A 103 -3.21 -7.01 -18.82
CA VAL A 103 -3.29 -6.93 -17.35
C VAL A 103 -3.63 -5.51 -16.86
N GLY A 104 -3.10 -4.48 -17.54
CA GLY A 104 -3.51 -3.09 -17.33
C GLY A 104 -2.53 -2.23 -16.56
N VAL A 105 -2.58 -0.92 -16.79
CA VAL A 105 -1.72 0.05 -16.09
C VAL A 105 -1.99 0.21 -14.60
N SER A 106 -3.17 -0.20 -14.14
CA SER A 106 -3.48 -0.20 -12.70
C SER A 106 -2.53 -1.12 -11.92
N VAL A 107 -2.15 -2.24 -12.54
CA VAL A 107 -1.14 -3.14 -11.96
C VAL A 107 0.22 -2.45 -11.88
N VAL A 108 0.59 -1.74 -12.94
CA VAL A 108 1.86 -1.00 -12.99
C VAL A 108 1.86 0.09 -11.90
N ASN A 109 0.74 0.79 -11.77
CA ASN A 109 0.58 1.84 -10.76
C ASN A 109 0.73 1.28 -9.34
N ALA A 110 0.05 0.17 -9.08
CA ALA A 110 0.11 -0.51 -7.77
C ALA A 110 1.53 -0.93 -7.35
N LEU A 111 2.35 -1.33 -8.34
CA LEU A 111 3.71 -1.81 -8.09
C LEU A 111 4.79 -0.76 -8.39
N SER A 112 4.41 0.51 -8.48
CA SER A 112 5.35 1.61 -8.65
C SER A 112 5.38 2.45 -7.38
N GLN A 113 6.56 2.65 -6.81
CA GLN A 113 6.72 3.54 -5.64
C GLN A 113 6.33 4.99 -5.95
N LYS A 114 6.51 5.41 -7.21
CA LYS A 114 5.94 6.66 -7.71
C LYS A 114 5.49 6.52 -9.16
N LEU A 115 4.41 7.22 -9.52
CA LEU A 115 3.93 7.28 -10.90
C LEU A 115 3.39 8.67 -11.20
N GLU A 116 3.89 9.27 -12.28
CA GLU A 116 3.49 10.60 -12.72
C GLU A 116 2.63 10.44 -13.97
N LEU A 117 1.44 11.03 -13.95
CA LEU A 117 0.52 11.03 -15.09
C LEU A 117 0.38 12.45 -15.62
N VAL A 118 0.56 12.61 -16.93
CA VAL A 118 0.35 13.89 -17.61
C VAL A 118 -0.51 13.68 -18.86
N ILE A 119 -1.67 14.33 -18.91
CA ILE A 119 -2.60 14.21 -20.03
C ILE A 119 -2.80 15.59 -20.67
N GLN A 120 -2.56 15.67 -21.97
CA GLN A 120 -2.83 16.88 -22.76
C GLN A 120 -4.08 16.59 -23.60
N ARG A 121 -5.15 17.33 -23.33
CA ARG A 121 -6.47 17.04 -23.91
C ARG A 121 -7.36 18.28 -23.84
N GLU A 122 -8.11 18.53 -24.92
CA GLU A 122 -9.07 19.64 -24.99
C GLU A 122 -8.50 20.99 -24.56
N GLY A 123 -7.29 21.28 -25.06
CA GLY A 123 -6.61 22.55 -24.77
C GLY A 123 -5.98 22.71 -23.39
N LYS A 124 -5.94 21.64 -22.58
CA LYS A 124 -5.52 21.70 -21.17
C LYS A 124 -4.49 20.62 -20.84
N ILE A 125 -3.58 20.96 -19.93
CA ILE A 125 -2.62 19.99 -19.37
C ILE A 125 -3.16 19.55 -18.01
N HIS A 126 -3.23 18.24 -17.80
CA HIS A 126 -3.71 17.65 -16.54
C HIS A 126 -2.56 16.84 -15.92
N ARG A 127 -2.40 16.98 -14.60
CA ARG A 127 -1.33 16.27 -13.89
C ARG A 127 -1.85 15.54 -12.65
N GLN A 128 -1.24 14.40 -12.35
CA GLN A 128 -1.55 13.64 -11.14
C GLN A 128 -0.35 12.78 -10.74
N ILE A 129 -0.12 12.66 -9.44
CA ILE A 129 0.95 11.84 -8.88
C ILE A 129 0.36 10.73 -8.04
N TYR A 130 0.89 9.52 -8.22
CA TYR A 130 0.56 8.37 -7.39
C TYR A 130 1.80 7.88 -6.66
N GLU A 131 1.60 7.28 -5.49
CA GLU A 131 2.65 6.57 -4.76
C GLU A 131 2.10 5.22 -4.32
N HIS A 132 2.71 4.13 -4.80
CA HIS A 132 2.23 2.76 -4.56
C HIS A 132 0.75 2.55 -4.92
N GLY A 133 0.32 3.20 -6.01
CA GLY A 133 -1.07 3.14 -6.48
C GLY A 133 -2.06 4.09 -5.82
N VAL A 134 -1.59 4.91 -4.87
CA VAL A 134 -2.45 5.81 -4.11
C VAL A 134 -2.32 7.23 -4.67
N PRO A 135 -3.43 7.82 -5.17
CA PRO A 135 -3.33 9.18 -5.69
C PRO A 135 -3.06 10.20 -4.59
N GLN A 136 -2.10 11.09 -4.83
CA GLN A 136 -1.71 12.09 -3.84
C GLN A 136 -2.65 13.30 -3.85
N ALA A 137 -3.25 13.56 -5.02
CA ALA A 137 -4.33 14.53 -5.14
C ALA A 137 -5.21 14.16 -6.35
N PRO A 138 -6.40 14.78 -6.48
CA PRO A 138 -7.19 14.55 -7.70
C PRO A 138 -6.50 15.09 -8.95
N LEU A 139 -6.79 14.47 -10.10
CA LEU A 139 -6.32 14.97 -11.40
C LEU A 139 -6.67 16.46 -11.51
N ALA A 140 -5.66 17.28 -11.81
CA ALA A 140 -5.79 18.73 -11.75
C ALA A 140 -5.30 19.38 -13.04
N VAL A 141 -6.02 20.41 -13.49
CA VAL A 141 -5.63 21.20 -14.65
C VAL A 141 -4.51 22.15 -14.23
N THR A 142 -3.33 22.00 -14.82
CA THR A 142 -2.15 22.78 -14.44
C THR A 142 -1.72 23.85 -15.47
N GLY A 143 -2.36 23.86 -16.64
CA GLY A 143 -2.03 24.85 -17.67
C GLY A 143 -2.74 24.62 -18.99
N GLU A 144 -2.34 25.40 -20.00
CA GLU A 144 -2.91 25.31 -21.35
C GLU A 144 -1.89 24.73 -22.32
N THR A 145 -2.40 24.15 -23.41
CA THR A 145 -1.56 23.56 -24.45
C THR A 145 -2.32 23.35 -25.75
N GLU A 146 -1.59 23.39 -26.86
CA GLU A 146 -2.14 23.06 -28.18
C GLU A 146 -2.05 21.57 -28.47
N LYS A 147 -1.07 20.90 -27.86
CA LYS A 147 -0.79 19.49 -28.14
C LYS A 147 -1.77 18.55 -27.43
N THR A 148 -1.76 17.29 -27.86
CA THR A 148 -2.56 16.24 -27.24
C THR A 148 -1.70 15.00 -26.99
N GLY A 149 -2.10 14.20 -26.02
CA GLY A 149 -1.41 12.95 -25.69
C GLY A 149 -1.43 12.62 -24.22
N THR A 150 -0.85 11.46 -23.90
CA THR A 150 -0.73 10.97 -22.52
C THR A 150 0.72 10.59 -22.28
N MET A 151 1.17 10.82 -21.04
CA MET A 151 2.51 10.44 -20.61
C MET A 151 2.41 9.82 -19.22
N VAL A 152 3.06 8.67 -19.05
CA VAL A 152 3.18 8.02 -17.74
C VAL A 152 4.66 7.74 -17.50
N ARG A 153 5.18 8.28 -16.39
CA ARG A 153 6.52 7.98 -15.92
C ARG A 153 6.37 7.25 -14.59
N PHE A 154 7.04 6.11 -14.44
CA PHE A 154 6.91 5.32 -13.22
C PHE A 154 8.25 4.87 -12.65
N TRP A 155 8.31 4.81 -11.32
CA TRP A 155 9.47 4.37 -10.57
C TRP A 155 9.08 3.03 -9.97
N PRO A 156 9.64 1.91 -10.48
CA PRO A 156 9.29 0.59 -9.94
C PRO A 156 9.60 0.48 -8.45
N SER A 157 8.68 -0.09 -7.68
CA SER A 157 8.88 -0.26 -6.25
C SER A 157 10.02 -1.24 -5.97
N LEU A 158 11.05 -0.77 -5.28
CA LEU A 158 12.18 -1.62 -4.88
C LEU A 158 11.84 -2.56 -3.71
N GLU A 159 10.66 -2.40 -3.12
CA GLU A 159 10.11 -3.40 -2.19
C GLU A 159 9.63 -4.65 -2.93
N THR A 160 9.05 -4.46 -4.11
CA THR A 160 8.55 -5.56 -4.94
C THR A 160 9.65 -6.18 -5.80
N PHE A 161 10.36 -5.34 -6.56
CA PHE A 161 11.34 -5.82 -7.55
C PHE A 161 12.73 -5.94 -6.94
N THR A 162 13.22 -7.18 -6.84
CA THR A 162 14.50 -7.51 -6.21
C THR A 162 15.49 -8.09 -7.21
N ASN A 163 16.76 -8.17 -6.79
CA ASN A 163 17.86 -8.72 -7.59
C ASN A 163 18.09 -7.94 -8.90
N VAL A 164 17.25 -8.18 -9.91
CA VAL A 164 17.28 -7.41 -11.16
C VAL A 164 16.39 -6.18 -10.94
N THR A 165 17.01 -5.07 -10.59
CA THR A 165 16.30 -3.81 -10.32
C THR A 165 16.48 -2.74 -11.40
N GLU A 166 17.46 -2.92 -12.29
CA GLU A 166 17.77 -1.93 -13.33
C GLU A 166 17.29 -2.41 -14.69
N PHE A 167 16.80 -1.46 -15.50
CA PHE A 167 16.26 -1.78 -16.83
C PHE A 167 17.37 -2.05 -17.84
N GLU A 168 17.42 -3.27 -18.37
CA GLU A 168 18.28 -3.59 -19.51
C GLU A 168 17.68 -3.03 -20.81
N TYR A 169 18.50 -2.26 -21.53
CA TYR A 169 18.08 -1.60 -22.78
C TYR A 169 17.63 -2.59 -23.85
N GLU A 170 18.40 -3.68 -24.03
CA GLU A 170 18.15 -4.63 -25.11
C GLU A 170 16.88 -5.47 -24.92
N ILE A 171 16.48 -5.72 -23.67
CA ILE A 171 15.22 -6.42 -23.38
C ILE A 171 14.03 -5.58 -23.86
N LEU A 172 14.08 -4.26 -23.62
CA LEU A 172 13.04 -3.35 -24.09
C LEU A 172 13.08 -3.19 -25.61
N ALA A 173 14.28 -3.01 -26.17
CA ALA A 173 14.45 -2.85 -27.63
C ALA A 173 13.93 -4.05 -28.43
N LYS A 174 14.20 -5.25 -27.94
CA LYS A 174 13.74 -6.49 -28.58
C LYS A 174 12.21 -6.52 -28.69
N ARG A 175 11.52 -6.25 -27.58
CA ARG A 175 10.05 -6.27 -27.56
C ARG A 175 9.43 -5.16 -28.40
N LEU A 176 9.99 -3.95 -28.31
CA LEU A 176 9.48 -2.81 -29.08
C LEU A 176 9.68 -3.00 -30.59
N ARG A 177 10.77 -3.68 -30.98
CA ARG A 177 10.98 -4.10 -32.37
C ARG A 177 9.86 -5.03 -32.83
N GLU A 178 9.55 -6.06 -32.03
CA GLU A 178 8.47 -7.00 -32.34
C GLU A 178 7.14 -6.26 -32.53
N LEU A 179 6.85 -5.34 -31.60
CA LEU A 179 5.62 -4.52 -31.65
C LEU A 179 5.53 -3.62 -32.88
N SER A 180 6.66 -3.11 -33.36
CA SER A 180 6.68 -2.22 -34.54
C SER A 180 6.22 -2.92 -35.82
N PHE A 181 6.57 -4.19 -35.98
CA PHE A 181 6.07 -5.01 -37.10
C PHE A 181 4.56 -5.26 -36.99
N LEU A 182 4.10 -5.61 -35.79
CA LEU A 182 2.68 -5.89 -35.57
C LEU A 182 1.81 -4.63 -35.67
N ASN A 183 2.32 -3.51 -35.16
CA ASN A 183 1.64 -2.22 -35.22
C ASN A 183 2.32 -1.33 -36.27
N SER A 184 2.02 -1.63 -37.52
CA SER A 184 2.71 -1.07 -38.70
C SER A 184 2.68 0.45 -38.82
N GLY A 185 1.54 1.06 -38.46
CA GLY A 185 1.39 2.51 -38.53
C GLY A 185 2.15 3.30 -37.47
N VAL A 186 2.52 2.65 -36.37
CA VAL A 186 3.03 3.34 -35.18
C VAL A 186 4.56 3.45 -35.16
N SER A 187 5.06 4.68 -35.00
CA SER A 187 6.48 4.93 -34.78
C SER A 187 6.82 4.68 -33.30
N ILE A 188 7.90 3.96 -33.04
CA ILE A 188 8.34 3.67 -31.66
C ILE A 188 9.79 4.10 -31.49
N ARG A 189 10.01 5.12 -30.65
CA ARG A 189 11.35 5.60 -30.31
C ARG A 189 11.74 5.10 -28.92
N LEU A 190 12.98 4.63 -28.79
CA LEU A 190 13.54 4.20 -27.51
C LEU A 190 14.78 5.06 -27.22
N ARG A 191 14.86 5.61 -26.01
CA ARG A 191 15.96 6.48 -25.59
C ARG A 191 16.48 6.08 -24.22
N ASP A 192 17.80 5.92 -24.11
CA ASP A 192 18.46 5.64 -22.82
C ASP A 192 19.26 6.87 -22.41
N LYS A 193 18.83 7.52 -21.34
CA LYS A 193 19.50 8.72 -20.83
C LYS A 193 20.73 8.42 -19.96
N ARG A 194 20.95 7.15 -19.61
CA ARG A 194 22.12 6.74 -18.83
C ARG A 194 23.40 6.79 -19.66
N ASP A 195 23.33 6.26 -20.89
CA ASP A 195 24.48 6.20 -21.81
C ASP A 195 24.22 6.82 -23.20
N GLY A 196 23.11 7.52 -23.37
CA GLY A 196 22.77 8.17 -24.64
C GLY A 196 22.41 7.26 -25.81
N LYS A 197 22.14 5.97 -25.54
CA LYS A 197 21.79 5.02 -26.58
C LYS A 197 20.36 5.26 -27.05
N GLU A 198 20.09 4.99 -28.32
CA GLU A 198 18.75 5.18 -28.88
C GLU A 198 18.46 4.34 -30.13
N ASP A 199 17.17 4.11 -30.36
CA ASP A 199 16.68 3.40 -31.54
C ASP A 199 15.36 4.01 -32.01
N HIS A 200 14.99 3.71 -33.25
CA HIS A 200 13.74 4.17 -33.84
C HIS A 200 13.16 3.04 -34.70
N PHE A 201 12.13 2.38 -34.16
CA PHE A 201 11.47 1.25 -34.84
C PHE A 201 10.22 1.76 -35.54
N HIS A 202 10.15 1.55 -36.85
CA HIS A 202 8.99 1.93 -37.66
C HIS A 202 8.93 1.09 -38.94
N TYR A 203 7.78 0.45 -39.18
CA TYR A 203 7.60 -0.46 -40.32
C TYR A 203 7.21 0.32 -41.58
N LEU B 1 -8.74 -1.32 1.49
CA LEU B 1 -7.94 -0.33 2.29
C LEU B 1 -7.54 0.95 1.53
N ASP B 2 -7.58 0.92 0.19
CA ASP B 2 -7.22 2.10 -0.64
C ASP B 2 -7.99 3.38 -0.30
N ALA B 3 -9.22 3.24 0.19
CA ALA B 3 -10.00 4.38 0.69
C ALA B 3 -9.32 5.08 1.87
N VAL B 4 -8.77 4.29 2.79
CA VAL B 4 -8.04 4.83 3.96
C VAL B 4 -6.72 5.45 3.55
N ARG B 5 -6.03 4.81 2.61
CA ARG B 5 -4.74 5.31 2.10
C ARG B 5 -4.88 6.65 1.35
N LYS B 6 -5.98 6.81 0.62
CA LYS B 6 -6.28 8.06 -0.11
C LYS B 6 -6.43 9.28 0.82
N ARG B 7 -7.12 9.08 1.95
CA ARG B 7 -7.37 10.15 2.91
C ARG B 7 -7.22 9.62 4.35
N PRO B 8 -5.98 9.45 4.83
CA PRO B 8 -5.74 8.91 6.18
C PRO B 8 -6.35 9.75 7.31
N GLY B 9 -6.32 11.07 7.15
CA GLY B 9 -6.88 12.00 8.13
C GLY B 9 -8.35 11.81 8.46
N MET B 10 -9.14 11.39 7.46
CA MET B 10 -10.57 11.13 7.65
C MET B 10 -10.85 9.97 8.61
N TYR B 11 -9.95 8.99 8.67
CA TYR B 11 -10.14 7.78 9.49
C TYR B 11 -9.44 7.85 10.85
N ILE B 12 -8.15 8.19 10.86
CA ILE B 12 -7.34 8.17 12.10
C ILE B 12 -7.29 9.51 12.85
N GLY B 13 -7.54 10.61 12.15
CA GLY B 13 -7.44 11.97 12.72
C GLY B 13 -6.19 12.67 12.24
N ASP B 14 -5.79 13.72 12.95
CA ASP B 14 -4.66 14.56 12.52
C ASP B 14 -3.34 13.77 12.59
N THR B 15 -2.67 13.67 11.43
CA THR B 15 -1.44 12.89 11.29
C THR B 15 -0.15 13.70 11.52
N ASP B 16 -0.27 14.99 11.86
CA ASP B 16 0.89 15.86 12.11
C ASP B 16 1.12 16.10 13.61
N ASP B 17 0.07 16.49 14.33
CA ASP B 17 0.20 16.90 15.74
C ASP B 17 0.36 15.77 16.78
N GLY B 18 0.31 14.51 16.34
CA GLY B 18 0.51 13.36 17.23
C GLY B 18 -0.76 12.72 17.80
N THR B 19 -1.92 13.35 17.57
CA THR B 19 -3.19 12.83 18.07
C THR B 19 -3.61 11.57 17.30
N GLY B 20 -3.45 11.60 15.98
CA GLY B 20 -3.68 10.43 15.13
C GLY B 20 -2.75 9.27 15.47
N LEU B 21 -1.47 9.59 15.72
CA LEU B 21 -0.46 8.58 16.09
C LEU B 21 -0.85 7.79 17.34
N HIS B 22 -1.27 8.50 18.38
CA HIS B 22 -1.69 7.85 19.63
C HIS B 22 -3.03 7.14 19.51
N HIS B 23 -3.92 7.67 18.66
CA HIS B 23 -5.19 6.98 18.35
C HIS B 23 -4.97 5.58 17.73
N MET B 24 -3.85 5.39 17.03
CA MET B 24 -3.45 4.05 16.53
C MET B 24 -3.33 3.04 17.68
N VAL B 25 -2.69 3.46 18.77
CA VAL B 25 -2.51 2.61 19.94
C VAL B 25 -3.86 2.31 20.61
N PHE B 26 -4.68 3.35 20.79
CA PHE B 26 -5.94 3.22 21.52
C PHE B 26 -6.99 2.39 20.76
N GLU B 27 -6.97 2.46 19.43
CA GLU B 27 -7.81 1.60 18.60
C GLU B 27 -7.46 0.13 18.81
N VAL B 28 -6.16 -0.18 18.81
CA VAL B 28 -5.69 -1.55 19.08
C VAL B 28 -6.03 -1.99 20.51
N VAL B 29 -5.87 -1.08 21.46
CA VAL B 29 -6.19 -1.36 22.88
C VAL B 29 -7.68 -1.69 23.05
N ASP B 30 -8.57 -0.97 22.37
CA ASP B 30 -10.01 -1.25 22.43
C ASP B 30 -10.33 -2.68 21.99
N ASN B 31 -9.69 -3.14 20.91
CA ASN B 31 -9.83 -4.52 20.45
C ASN B 31 -9.27 -5.52 21.47
N ALA B 32 -8.12 -5.20 22.07
CA ALA B 32 -7.49 -6.05 23.10
C ALA B 32 -8.36 -6.20 24.35
N ILE B 33 -8.93 -5.08 24.81
CA ILE B 33 -9.86 -5.08 25.94
C ILE B 33 -11.09 -5.95 25.62
N ASP B 34 -11.62 -5.80 24.41
CA ASP B 34 -12.72 -6.63 23.89
C ASP B 34 -12.39 -8.13 24.03
N GLU B 35 -11.20 -8.52 23.59
CA GLU B 35 -10.73 -9.91 23.71
C GLU B 35 -10.52 -10.36 25.15
N ALA B 36 -9.92 -9.49 25.97
CA ALA B 36 -9.63 -9.81 27.37
C ALA B 36 -10.89 -10.03 28.22
N LEU B 37 -11.95 -9.27 27.92
CA LEU B 37 -13.24 -9.40 28.64
C LEU B 37 -13.93 -10.75 28.44
N ALA B 38 -13.64 -11.44 27.35
CA ALA B 38 -14.18 -12.78 27.08
C ALA B 38 -13.67 -13.85 28.06
N GLY B 39 -12.45 -13.69 28.57
CA GLY B 39 -11.82 -14.64 29.50
C GLY B 39 -12.03 -14.27 30.97
N HIS B 40 -11.52 -15.13 31.86
CA HIS B 40 -11.68 -14.95 33.30
C HIS B 40 -10.57 -14.08 33.91
N CYS B 41 -9.32 -14.38 33.58
CA CYS B 41 -8.17 -13.65 34.13
C CYS B 41 -8.10 -12.21 33.60
N LYS B 42 -8.09 -12.09 32.27
CA LYS B 42 -8.15 -10.79 31.59
C LYS B 42 -6.97 -9.87 31.92
N GLU B 43 -5.89 -10.00 31.15
CA GLU B 43 -4.76 -9.08 31.22
C GLU B 43 -4.40 -8.63 29.82
N ILE B 44 -4.12 -7.33 29.67
CA ILE B 44 -3.47 -6.81 28.46
C ILE B 44 -2.14 -6.18 28.85
N ILE B 45 -1.17 -6.26 27.93
CA ILE B 45 0.14 -5.63 28.12
C ILE B 45 0.40 -4.74 26.92
N VAL B 46 0.57 -3.44 27.16
CA VAL B 46 0.94 -2.47 26.14
C VAL B 46 2.43 -2.15 26.34
N THR B 47 3.23 -2.35 25.31
CA THR B 47 4.69 -2.13 25.40
C THR B 47 5.15 -1.15 24.33
N ILE B 48 5.85 -0.09 24.76
CA ILE B 48 6.52 0.82 23.84
C ILE B 48 7.93 0.29 23.66
N HIS B 49 8.25 -0.16 22.45
CA HIS B 49 9.57 -0.72 22.14
C HIS B 49 10.57 0.39 21.79
N ALA B 50 11.86 0.04 21.86
CA ALA B 50 12.95 1.00 21.62
C ALA B 50 13.02 1.55 20.19
N ASP B 51 12.43 0.83 19.24
CA ASP B 51 12.33 1.27 17.84
C ASP B 51 11.04 2.07 17.52
N ASN B 52 10.40 2.62 18.55
CA ASN B 52 9.12 3.34 18.44
C ASN B 52 8.00 2.56 17.71
N SER B 53 7.96 1.24 17.96
CA SER B 53 6.79 0.41 17.66
C SER B 53 6.09 0.17 18.99
N VAL B 54 4.80 -0.14 18.91
CA VAL B 54 3.99 -0.48 20.09
C VAL B 54 3.40 -1.87 19.87
N SER B 55 3.50 -2.72 20.90
CA SER B 55 2.82 -4.01 20.90
C SER B 55 1.71 -4.02 21.95
N VAL B 56 0.62 -4.72 21.62
CA VAL B 56 -0.51 -4.90 22.53
C VAL B 56 -0.84 -6.39 22.56
N GLN B 57 -0.70 -7.00 23.74
CA GLN B 57 -1.01 -8.42 23.96
C GLN B 57 -2.29 -8.53 24.78
N ASP B 58 -3.06 -9.59 24.53
CA ASP B 58 -4.10 -10.03 25.48
C ASP B 58 -3.99 -11.54 25.68
N ASP B 59 -4.58 -12.02 26.78
CA ASP B 59 -4.62 -13.46 27.08
C ASP B 59 -6.04 -14.04 26.88
N GLY B 60 -6.74 -13.54 25.86
CA GLY B 60 -8.10 -13.99 25.55
C GLY B 60 -8.11 -15.25 24.69
N ARG B 61 -9.24 -15.49 24.03
CA ARG B 61 -9.43 -16.70 23.22
C ARG B 61 -8.58 -16.75 21.96
N GLY B 62 -8.16 -15.59 21.45
CA GLY B 62 -7.43 -15.49 20.19
C GLY B 62 -8.40 -15.23 19.05
N ILE B 63 -8.02 -14.31 18.15
CA ILE B 63 -8.84 -13.99 16.97
C ILE B 63 -9.04 -15.26 16.13
N PRO B 64 -10.25 -15.47 15.55
CA PRO B 64 -10.48 -16.63 14.68
C PRO B 64 -9.47 -16.75 13.55
N THR B 65 -8.97 -17.98 13.33
CA THR B 65 -7.91 -18.25 12.36
C THR B 65 -8.37 -19.05 11.12
N GLY B 66 -9.57 -19.63 11.18
CA GLY B 66 -10.09 -20.45 10.08
C GLY B 66 -10.39 -19.64 8.83
N ILE B 67 -10.42 -20.33 7.69
CA ILE B 67 -10.60 -19.69 6.39
C ILE B 67 -12.04 -19.17 6.27
N HIS B 68 -12.17 -17.91 5.84
CA HIS B 68 -13.47 -17.29 5.60
C HIS B 68 -14.01 -17.83 4.26
N PRO B 69 -15.24 -18.40 4.24
CA PRO B 69 -15.76 -19.03 3.01
C PRO B 69 -15.89 -18.10 1.79
N GLU B 70 -16.30 -16.86 2.02
CA GLU B 70 -16.42 -15.86 0.95
C GLU B 70 -15.05 -15.32 0.51
N GLU B 71 -14.27 -14.83 1.48
CA GLU B 71 -13.02 -14.12 1.19
C GLU B 71 -11.86 -15.05 0.79
N GLY B 72 -11.92 -16.32 1.25
CA GLY B 72 -10.91 -17.31 0.88
C GLY B 72 -9.57 -17.17 1.57
N VAL B 73 -9.54 -16.43 2.68
CA VAL B 73 -8.33 -16.26 3.51
C VAL B 73 -8.74 -16.41 4.97
N SER B 74 -7.75 -16.50 5.86
CA SER B 74 -8.02 -16.62 7.30
C SER B 74 -8.90 -15.48 7.79
N ALA B 75 -9.78 -15.79 8.74
CA ALA B 75 -10.66 -14.80 9.35
C ALA B 75 -9.87 -13.65 10.00
N ALA B 76 -8.68 -13.98 10.54
CA ALA B 76 -7.76 -12.98 11.06
C ALA B 76 -7.35 -11.96 9.98
N GLU B 77 -6.98 -12.45 8.80
CA GLU B 77 -6.61 -11.57 7.68
C GLU B 77 -7.77 -10.66 7.24
N VAL B 78 -8.99 -11.21 7.23
CA VAL B 78 -10.18 -10.42 6.89
C VAL B 78 -10.36 -9.25 7.87
N ILE B 79 -10.19 -9.52 9.17
CA ILE B 79 -10.24 -8.46 10.19
C ILE B 79 -9.17 -7.38 9.96
N MET B 80 -7.96 -7.82 9.60
CA MET B 80 -6.84 -6.89 9.37
C MET B 80 -6.90 -6.12 8.04
N THR B 81 -7.66 -6.60 7.05
CA THR B 81 -7.65 -6.02 5.69
C THR B 81 -9.00 -5.51 5.14
N VAL B 82 -10.09 -5.65 5.90
CA VAL B 82 -11.43 -5.21 5.45
C VAL B 82 -11.94 -4.10 6.36
N LEU B 83 -12.49 -3.05 5.75
CA LEU B 83 -12.88 -1.83 6.45
C LEU B 83 -14.26 -1.96 7.10
N GLY B 102 -15.67 2.13 16.99
CA GLY B 102 -14.30 2.47 16.64
C GLY B 102 -14.03 2.42 15.15
N VAL B 103 -12.81 2.82 14.78
CA VAL B 103 -12.41 2.90 13.35
C VAL B 103 -11.98 1.57 12.73
N GLY B 104 -11.74 0.55 13.57
CA GLY B 104 -11.29 -0.77 13.12
C GLY B 104 -9.77 -0.89 13.11
N VAL B 105 -9.29 -2.08 13.47
CA VAL B 105 -7.85 -2.39 13.43
C VAL B 105 -7.27 -2.38 12.00
N SER B 106 -8.13 -2.60 10.99
CA SER B 106 -7.71 -2.52 9.59
C SER B 106 -7.16 -1.14 9.20
N VAL B 107 -7.69 -0.08 9.82
CA VAL B 107 -7.16 1.28 9.63
C VAL B 107 -5.73 1.38 10.18
N VAL B 108 -5.51 0.83 11.38
CA VAL B 108 -4.18 0.81 12.01
C VAL B 108 -3.19 0.05 11.12
N ASN B 109 -3.62 -1.10 10.61
CA ASN B 109 -2.83 -1.91 9.69
C ASN B 109 -2.46 -1.14 8.41
N ALA B 110 -3.47 -0.51 7.80
CA ALA B 110 -3.27 0.30 6.58
C ALA B 110 -2.21 1.39 6.74
N LEU B 111 -2.24 2.05 7.91
CA LEU B 111 -1.33 3.17 8.21
C LEU B 111 -0.08 2.76 9.01
N SER B 112 0.25 1.47 9.02
CA SER B 112 1.47 0.96 9.65
C SER B 112 2.40 0.44 8.56
N GLN B 113 3.63 0.96 8.52
CA GLN B 113 4.64 0.45 7.59
C GLN B 113 5.01 -1.02 7.84
N LYS B 114 4.86 -1.47 9.07
CA LYS B 114 4.91 -2.89 9.41
C LYS B 114 3.91 -3.22 10.52
N LEU B 115 3.32 -4.41 10.45
CA LEU B 115 2.47 -4.93 11.52
C LEU B 115 2.68 -6.44 11.67
N GLU B 116 2.94 -6.88 12.89
CA GLU B 116 3.17 -8.28 13.21
C GLU B 116 1.98 -8.79 14.02
N LEU B 117 1.36 -9.87 13.54
CA LEU B 117 0.22 -10.50 14.20
C LEU B 117 0.63 -11.89 14.71
N VAL B 118 0.38 -12.16 15.98
CA VAL B 118 0.62 -13.47 16.59
C VAL B 118 -0.61 -13.91 17.38
N ILE B 119 -1.23 -15.03 16.98
CA ILE B 119 -2.44 -15.55 17.61
C ILE B 119 -2.17 -16.94 18.16
N GLN B 120 -2.41 -17.10 19.47
CA GLN B 120 -2.31 -18.40 20.14
C GLN B 120 -3.72 -18.93 20.40
N ARG B 121 -4.02 -20.10 19.85
CA ARG B 121 -5.40 -20.61 19.80
C ARG B 121 -5.41 -22.08 19.42
N GLU B 122 -6.23 -22.88 20.12
CA GLU B 122 -6.36 -24.33 19.87
C GLU B 122 -5.00 -25.06 19.89
N GLY B 123 -4.14 -24.69 20.82
CA GLY B 123 -2.81 -25.28 20.97
C GLY B 123 -1.79 -24.92 19.91
N LYS B 124 -2.06 -23.87 19.12
CA LYS B 124 -1.23 -23.52 17.96
C LYS B 124 -0.87 -22.03 17.94
N ILE B 125 0.38 -21.75 17.55
CA ILE B 125 0.85 -20.38 17.34
C ILE B 125 0.68 -20.05 15.86
N HIS B 126 -0.03 -18.96 15.57
CA HIS B 126 -0.25 -18.47 14.21
C HIS B 126 0.47 -17.15 14.04
N ARG B 127 1.20 -16.98 12.92
CA ARG B 127 1.99 -15.77 12.67
C ARG B 127 1.71 -15.20 11.28
N GLN B 128 1.63 -13.88 11.19
CA GLN B 128 1.50 -13.18 9.91
C GLN B 128 2.11 -11.78 10.02
N ILE B 129 2.76 -11.36 8.93
CA ILE B 129 3.39 -10.04 8.84
C ILE B 129 2.71 -9.24 7.75
N TYR B 130 2.47 -7.95 8.02
CA TYR B 130 1.92 -7.00 7.06
C TYR B 130 2.89 -5.85 6.86
N GLU B 131 2.85 -5.25 5.68
CA GLU B 131 3.55 -3.99 5.39
C GLU B 131 2.59 -3.07 4.66
N HIS B 132 2.28 -1.92 5.27
CA HIS B 132 1.31 -0.96 4.73
C HIS B 132 -0.05 -1.60 4.42
N GLY B 133 -0.47 -2.54 5.29
CA GLY B 133 -1.73 -3.26 5.13
C GLY B 133 -1.72 -4.49 4.24
N VAL B 134 -0.59 -4.75 3.56
CA VAL B 134 -0.47 -5.86 2.62
C VAL B 134 0.16 -7.06 3.33
N PRO B 135 -0.55 -8.20 3.40
CA PRO B 135 0.05 -9.37 4.03
C PRO B 135 1.21 -9.93 3.21
N GLN B 136 2.31 -10.27 3.88
CA GLN B 136 3.51 -10.78 3.21
C GLN B 136 3.41 -12.27 2.87
N ALA B 137 2.60 -12.99 3.64
CA ALA B 137 2.24 -14.37 3.32
C ALA B 137 0.93 -14.70 4.03
N PRO B 138 0.30 -15.84 3.68
CA PRO B 138 -0.89 -16.28 4.42
C PRO B 138 -0.59 -16.59 5.89
N LEU B 139 -1.59 -16.40 6.75
CA LEU B 139 -1.48 -16.77 8.17
C LEU B 139 -0.98 -18.21 8.28
N ALA B 140 0.09 -18.42 9.05
CA ALA B 140 0.77 -19.70 9.12
C ALA B 140 0.89 -20.20 10.56
N VAL B 141 0.59 -21.48 10.77
CA VAL B 141 0.87 -22.14 12.04
C VAL B 141 2.38 -22.43 12.09
N THR B 142 3.07 -21.78 13.03
CA THR B 142 4.52 -21.91 13.17
C THR B 142 4.96 -22.79 14.34
N GLY B 143 4.06 -23.09 15.28
CA GLY B 143 4.42 -23.89 16.44
C GLY B 143 3.28 -24.22 17.36
N GLU B 144 3.62 -24.65 18.58
CA GLU B 144 2.63 -25.09 19.57
C GLU B 144 2.71 -24.23 20.82
N THR B 145 1.63 -24.22 21.60
CA THR B 145 1.52 -23.40 22.79
C THR B 145 0.44 -23.91 23.74
N GLU B 146 0.67 -23.75 25.05
CA GLU B 146 -0.34 -24.03 26.07
C GLU B 146 -1.25 -22.82 26.32
N LYS B 147 -0.81 -21.64 25.90
CA LYS B 147 -1.50 -20.38 26.17
C LYS B 147 -2.44 -19.99 25.03
N THR B 148 -3.32 -19.03 25.30
CA THR B 148 -4.18 -18.43 24.28
C THR B 148 -4.03 -16.92 24.30
N GLY B 149 -4.42 -16.28 23.19
CA GLY B 149 -4.41 -14.81 23.08
C GLY B 149 -4.01 -14.28 21.72
N THR B 150 -4.05 -12.94 21.61
CA THR B 150 -3.70 -12.23 20.39
C THR B 150 -2.67 -11.16 20.71
N MET B 151 -1.67 -11.03 19.83
CA MET B 151 -0.66 -9.99 19.94
C MET B 151 -0.58 -9.25 18.61
N VAL B 152 -0.60 -7.92 18.67
CA VAL B 152 -0.38 -7.06 17.50
C VAL B 152 0.71 -6.06 17.85
N ARG B 153 1.78 -6.04 17.05
CA ARG B 153 2.86 -5.06 17.16
C ARG B 153 2.93 -4.30 15.86
N PHE B 154 2.87 -2.97 15.93
CA PHE B 154 2.84 -2.14 14.73
C PHE B 154 3.88 -1.01 14.75
N TRP B 155 4.42 -0.74 13.57
CA TRP B 155 5.38 0.32 13.34
C TRP B 155 4.60 1.37 12.54
N PRO B 156 4.28 2.53 13.16
CA PRO B 156 3.53 3.57 12.43
C PRO B 156 4.25 4.02 11.16
N SER B 157 3.49 4.23 10.09
CA SER B 157 4.06 4.61 8.81
C SER B 157 4.57 6.05 8.85
N LEU B 158 5.87 6.23 8.64
CA LEU B 158 6.49 7.55 8.62
C LEU B 158 6.18 8.34 7.34
N GLU B 159 5.60 7.68 6.34
CA GLU B 159 5.03 8.35 5.17
C GLU B 159 3.70 9.05 5.48
N THR B 160 2.96 8.52 6.46
CA THR B 160 1.70 9.11 6.91
C THR B 160 1.93 10.04 8.10
N PHE B 161 2.58 9.52 9.14
CA PHE B 161 2.75 10.25 10.39
C PHE B 161 4.01 11.10 10.38
N THR B 162 3.80 12.42 10.36
CA THR B 162 4.87 13.42 10.25
C THR B 162 4.96 14.25 11.53
N ASN B 163 6.07 14.98 11.65
CA ASN B 163 6.30 15.93 12.76
C ASN B 163 6.41 15.23 14.13
N VAL B 164 5.28 14.76 14.68
CA VAL B 164 5.29 13.98 15.92
C VAL B 164 5.23 12.49 15.55
N THR B 165 6.36 11.80 15.69
CA THR B 165 6.50 10.39 15.30
C THR B 165 6.84 9.42 16.45
N GLU B 166 7.07 9.94 17.65
CA GLU B 166 7.46 9.12 18.81
C GLU B 166 6.34 9.10 19.85
N PHE B 167 6.16 7.95 20.50
CA PHE B 167 5.08 7.78 21.47
C PHE B 167 5.44 8.40 22.83
N GLU B 168 4.56 9.27 23.31
CA GLU B 168 4.66 9.88 24.63
C GLU B 168 4.03 8.95 25.67
N TYR B 169 4.83 8.55 26.66
CA TYR B 169 4.40 7.62 27.72
C TYR B 169 3.18 8.13 28.49
N GLU B 170 3.20 9.41 28.86
CA GLU B 170 2.14 10.04 29.65
C GLU B 170 0.77 10.02 28.98
N ILE B 171 0.74 10.17 27.65
CA ILE B 171 -0.53 10.14 26.90
C ILE B 171 -1.15 8.74 27.00
N LEU B 172 -0.34 7.70 26.84
CA LEU B 172 -0.81 6.32 26.97
C LEU B 172 -1.15 5.97 28.42
N ALA B 173 -0.29 6.36 29.36
CA ALA B 173 -0.50 6.08 30.80
C ALA B 173 -1.81 6.67 31.33
N LYS B 174 -2.08 7.92 30.98
CA LYS B 174 -3.32 8.59 31.37
C LYS B 174 -4.56 7.86 30.86
N ARG B 175 -4.59 7.57 29.55
CA ARG B 175 -5.73 6.92 28.90
C ARG B 175 -6.00 5.53 29.45
N LEU B 176 -4.95 4.73 29.61
CA LEU B 176 -5.08 3.37 30.12
C LEU B 176 -5.58 3.34 31.57
N ARG B 177 -5.16 4.33 32.36
CA ARG B 177 -5.68 4.49 33.73
C ARG B 177 -7.18 4.80 33.72
N GLU B 178 -7.61 5.69 32.83
CA GLU B 178 -9.04 6.02 32.70
C GLU B 178 -9.84 4.77 32.28
N LEU B 179 -9.31 4.02 31.31
CA LEU B 179 -9.92 2.79 30.82
C LEU B 179 -10.05 1.69 31.89
N SER B 180 -9.08 1.60 32.80
CA SER B 180 -9.10 0.56 33.84
C SER B 180 -10.35 0.61 34.71
N PHE B 181 -10.79 1.82 35.07
CA PHE B 181 -11.99 2.02 35.90
C PHE B 181 -13.30 1.66 35.18
N LEU B 182 -13.34 1.78 33.86
CA LEU B 182 -14.50 1.37 33.06
C LEU B 182 -14.54 -0.13 32.76
N ASN B 183 -13.40 -0.81 32.87
CA ASN B 183 -13.29 -2.24 32.58
C ASN B 183 -12.83 -3.01 33.82
N SER B 184 -13.80 -3.41 34.64
CA SER B 184 -13.52 -4.09 35.91
C SER B 184 -12.98 -5.50 35.69
N GLY B 185 -11.97 -5.85 36.49
CA GLY B 185 -11.34 -7.17 36.42
C GLY B 185 -10.31 -7.33 35.33
N VAL B 186 -10.04 -6.29 34.54
CA VAL B 186 -9.06 -6.34 33.45
C VAL B 186 -7.75 -5.71 33.92
N SER B 187 -6.69 -6.52 33.96
CA SER B 187 -5.35 -6.04 34.29
C SER B 187 -4.74 -5.38 33.05
N ILE B 188 -4.32 -4.11 33.18
CA ILE B 188 -3.67 -3.38 32.09
C ILE B 188 -2.26 -3.01 32.53
N ARG B 189 -1.26 -3.57 31.86
CA ARG B 189 0.14 -3.25 32.11
C ARG B 189 0.70 -2.39 30.99
N LEU B 190 1.44 -1.34 31.37
CA LEU B 190 2.13 -0.47 30.42
C LEU B 190 3.62 -0.56 30.71
N ARG B 191 4.42 -0.78 29.67
CA ARG B 191 5.87 -0.90 29.79
C ARG B 191 6.55 -0.05 28.72
N ASP B 192 7.62 0.64 29.11
CA ASP B 192 8.42 1.43 28.20
C ASP B 192 9.83 0.83 28.19
N LYS B 193 10.18 0.17 27.09
CA LYS B 193 11.52 -0.43 26.94
C LYS B 193 12.63 0.59 26.64
N ARG B 194 12.27 1.83 26.34
CA ARG B 194 13.25 2.91 26.09
C ARG B 194 13.97 3.33 27.37
N ASP B 195 13.21 3.52 28.46
CA ASP B 195 13.76 3.93 29.77
C ASP B 195 13.46 2.97 30.94
N GLY B 196 12.76 1.87 30.68
CA GLY B 196 12.41 0.89 31.72
C GLY B 196 11.21 1.23 32.61
N LYS B 197 10.54 2.35 32.35
CA LYS B 197 9.38 2.76 33.15
C LYS B 197 8.19 1.84 32.88
N GLU B 198 7.42 1.54 33.93
CA GLU B 198 6.24 0.69 33.79
C GLU B 198 5.15 1.02 34.81
N ASP B 199 3.92 0.64 34.47
CA ASP B 199 2.74 0.86 35.31
C ASP B 199 1.80 -0.33 35.23
N HIS B 200 0.99 -0.50 36.28
CA HIS B 200 0.00 -1.56 36.35
C HIS B 200 -1.33 -0.99 36.82
N PHE B 201 -2.29 -0.91 35.89
CA PHE B 201 -3.64 -0.42 36.16
C PHE B 201 -4.58 -1.62 36.24
N HIS B 202 -5.12 -1.88 37.43
CA HIS B 202 -6.01 -3.03 37.66
C HIS B 202 -7.08 -2.70 38.70
N TYR B 203 -8.22 -2.21 38.22
CA TYR B 203 -9.38 -1.91 39.05
C TYR B 203 -10.27 -3.15 39.11
N GLU B 204 -10.57 -3.60 40.33
CA GLU B 204 -11.33 -4.85 40.55
C GLU B 204 -12.74 -4.60 41.07
N GLY B 205 -13.33 -3.45 40.74
CA GLY B 205 -14.63 -3.04 41.29
C GLY B 205 -15.81 -3.85 40.78
N GLY B 206 -16.88 -3.88 41.57
CA GLY B 206 -18.05 -4.70 41.26
C GLY B 206 -17.79 -6.19 41.44
NAF AX7 C . 4.09 2.72 1.06
CAI AX7 C . 2.99 1.98 0.64
CAD AX7 C . 1.64 2.31 0.58
CAB AX7 C . 0.74 1.38 0.09
CAC AX7 C . 1.16 0.12 -0.32
CAE AX7 C . 2.51 -0.23 -0.26
CAJ AX7 C . 3.40 0.71 0.22
NAG AX7 C . 4.77 0.69 0.39
CAH AX7 C . 5.13 1.91 0.89
NAA AX7 C . 6.40 2.22 1.15
CL9 4CH D . -2.42 4.55 -19.46
C4 4CH D . -1.33 5.18 -20.65
C5 4CH D . -1.82 5.61 -21.87
C6 4CH D . -0.97 6.17 -22.80
C1 4CH D . 0.38 6.30 -22.51
O7 4CH D . 1.26 6.89 -23.38
C2 4CH D . 0.88 5.85 -21.29
C3 4CH D . 0.02 5.28 -20.37
P PO4 E . 14.88 13.61 -15.93
O1 PO4 E . 15.48 12.67 -16.91
O2 PO4 E . 13.56 14.02 -16.34
O3 PO4 E . 14.95 13.02 -14.59
O4 PO4 E . 15.65 14.87 -15.92
P PO4 F . 4.60 -10.16 -1.25
O1 PO4 F . 4.05 -11.53 -1.30
O2 PO4 F . 5.29 -9.72 -2.48
O3 PO4 F . 5.62 -10.22 -0.18
O4 PO4 F . 3.49 -9.23 -0.92
CL9 4CH G . -7.08 -6.72 16.61
C4 4CH G . -6.35 -7.02 18.17
C5 4CH G . -5.18 -6.36 18.50
C6 4CH G . -4.59 -6.61 19.73
C1 4CH G . -5.17 -7.52 20.61
O7 4CH G . -4.59 -7.81 21.81
C2 4CH G . -6.35 -8.17 20.25
C3 4CH G . -6.94 -7.91 19.02
P PO4 H . 12.29 -5.86 20.92
O1 PO4 H . 13.57 -6.49 21.30
O2 PO4 H . 11.43 -6.97 20.52
O3 PO4 H . 11.78 -5.08 22.06
O4 PO4 H . 12.52 -4.97 19.79
#